data_3MLB
#
_entry.id   3MLB
#
_cell.length_a   88.344
_cell.length_b   96.639
_cell.length_c   44.132
_cell.angle_alpha   90.00
_cell.angle_beta   90.00
_cell.angle_gamma   90.00
#
_symmetry.space_group_name_H-M   'P 21 21 2'
#
loop_
_entity.id
_entity.type
_entity.pdbx_description
1 polymer 'nicotinate-nucleotide adenylyltransferase'
2 non-polymer 'POTASSIUM ION'
3 non-polymer 'FORMIC ACID'
4 non-polymer "4,4'-{cyclohexa-2,5-diene-1,4-diylidenebis[(E)methylylidene(E)diazene-2,1-diyl]}bis[N-(2-chlorophenyl)-4-oxobutanamide]"
5 water water
#
_entity_poly.entity_id   1
_entity_poly.type   'polypeptide(L)'
_entity_poly.pdbx_seq_one_letter_code
;GAMRKIGIIGGTFDPPHYGHLLIANEVYHALNLEEVWFLPNQIPPHKQGRNITSVESRLQMLELATEAEEHFSICLEELS
RKGPSYTYDTMLQLTKKYPDVQFHFIIGGDMVEYLPKWYNIEALLDLVTFVGVARPGYKLRTPYPITTVEIPEFAVSSSL
LRERYKEKKTCKYLLPEKVQVYIERNGLYES
;
_entity_poly.pdbx_strand_id   A,B
#
# COMPACT_ATOMS: atom_id res chain seq x y z
N MET A 3 -12.57 10.35 25.87
CA MET A 3 -11.78 10.67 24.68
C MET A 3 -12.64 10.58 23.43
N ARG A 4 -12.63 11.64 22.63
CA ARG A 4 -13.34 11.66 21.35
C ARG A 4 -12.74 10.63 20.42
N LYS A 5 -13.59 9.80 19.83
CA LYS A 5 -13.11 8.84 18.83
C LYS A 5 -13.12 9.51 17.46
N ILE A 6 -11.94 9.71 16.89
CA ILE A 6 -11.79 10.37 15.60
C ILE A 6 -11.00 9.48 14.64
N GLY A 7 -11.58 9.16 13.49
CA GLY A 7 -10.86 8.43 12.47
C GLY A 7 -10.01 9.35 11.61
N ILE A 8 -8.93 8.81 11.04
CA ILE A 8 -8.10 9.56 10.11
C ILE A 8 -7.97 8.75 8.84
N ILE A 9 -8.23 9.36 7.70
CA ILE A 9 -8.00 8.72 6.42
C ILE A 9 -7.12 9.61 5.56
N GLY A 10 -5.90 9.15 5.31
CA GLY A 10 -4.92 9.95 4.58
C GLY A 10 -4.63 9.49 3.18
N GLY A 11 -4.10 10.41 2.38
CA GLY A 11 -3.83 10.18 0.98
C GLY A 11 -3.74 11.50 0.24
N THR A 12 -3.48 11.45 -1.07
CA THR A 12 -3.33 12.66 -1.85
C THR A 12 -4.68 13.14 -2.41
N PHE A 13 -5.69 12.27 -2.38
CA PHE A 13 -7.04 12.61 -2.88
C PHE A 13 -7.00 13.32 -4.24
N ASP A 14 -6.59 12.57 -5.25
CA ASP A 14 -6.06 13.15 -6.50
C ASP A 14 -6.63 12.42 -7.73
N PRO A 15 -7.96 12.43 -7.88
CA PRO A 15 -8.96 13.15 -7.10
C PRO A 15 -9.64 12.29 -6.04
N PRO A 16 -10.35 12.93 -5.11
CA PRO A 16 -11.19 12.19 -4.15
C PRO A 16 -12.36 11.60 -4.92
N HIS A 17 -12.85 10.44 -4.50
CA HIS A 17 -13.96 9.80 -5.22
C HIS A 17 -14.87 9.05 -4.26
N TYR A 18 -15.89 8.40 -4.80
CA TYR A 18 -16.82 7.62 -3.98
C TYR A 18 -16.13 6.52 -3.16
N GLY A 19 -15.05 5.95 -3.68
CA GLY A 19 -14.34 4.90 -2.98
C GLY A 19 -13.79 5.37 -1.65
N HIS A 20 -13.23 6.59 -1.63
CA HIS A 20 -12.74 7.19 -0.40
C HIS A 20 -13.87 7.43 0.58
N LEU A 21 -14.96 8.02 0.10
CA LEU A 21 -16.14 8.29 0.92
C LEU A 21 -16.73 7.03 1.53
N LEU A 22 -16.83 5.99 0.72
CA LEU A 22 -17.42 4.72 1.19
C LEU A 22 -16.56 4.11 2.30
N ILE A 23 -15.25 4.18 2.14
CA ILE A 23 -14.35 3.66 3.16
C ILE A 23 -14.46 4.46 4.48
N ALA A 24 -14.40 5.78 4.39
CA ALA A 24 -14.51 6.60 5.58
C ALA A 24 -15.86 6.32 6.25
N ASN A 25 -16.91 6.26 5.44
CA ASN A 25 -18.25 6.03 5.98
C ASN A 25 -18.36 4.68 6.70
N GLU A 26 -17.80 3.64 6.11
CA GLU A 26 -17.94 2.31 6.67
C GLU A 26 -17.24 2.25 8.03
N VAL A 27 -16.09 2.90 8.15
CA VAL A 27 -15.37 2.92 9.42
C VAL A 27 -16.07 3.78 10.47
N TYR A 28 -16.57 4.92 10.03
CA TYR A 28 -17.38 5.78 10.88
C TYR A 28 -18.53 5.01 11.54
N HIS A 29 -19.31 4.30 10.72
CA HIS A 29 -20.44 3.54 11.25
C HIS A 29 -20.03 2.28 12.05
N ALA A 30 -19.03 1.57 11.55
CA ALA A 30 -18.59 0.31 12.16
C ALA A 30 -18.01 0.49 13.56
N LEU A 31 -17.29 1.59 13.75
CA LEU A 31 -16.60 1.87 14.99
C LEU A 31 -17.31 2.94 15.80
N ASN A 32 -18.41 3.46 15.25
CA ASN A 32 -19.18 4.52 15.92
C ASN A 32 -18.28 5.69 16.30
N LEU A 33 -17.55 6.22 15.33
CA LEU A 33 -16.69 7.35 15.57
C LEU A 33 -17.56 8.59 15.68
N GLU A 34 -16.99 9.65 16.25
CA GLU A 34 -17.65 10.95 16.30
C GLU A 34 -17.54 11.60 14.92
N GLU A 35 -16.36 11.50 14.33
CA GLU A 35 -16.04 12.10 13.04
C GLU A 35 -14.94 11.30 12.36
N VAL A 36 -14.82 11.51 11.05
CA VAL A 36 -13.64 11.07 10.31
C VAL A 36 -12.99 12.32 9.74
N TRP A 37 -11.69 12.47 9.98
CA TRP A 37 -10.93 13.54 9.34
C TRP A 37 -10.19 13.03 8.11
N PHE A 38 -10.43 13.67 6.98
CA PHE A 38 -9.61 13.44 5.78
C PHE A 38 -8.30 14.22 5.89
N LEU A 39 -7.18 13.52 5.67
CA LEU A 39 -5.86 14.08 5.89
C LEU A 39 -5.11 14.14 4.57
N PRO A 40 -5.29 15.23 3.79
CA PRO A 40 -4.60 15.34 2.50
C PRO A 40 -3.07 15.41 2.65
N ASN A 41 -2.35 14.52 1.95
CA ASN A 41 -0.89 14.50 2.02
C ASN A 41 -0.28 15.63 1.19
N GLN A 42 0.93 16.02 1.54
CA GLN A 42 1.71 16.90 0.68
C GLN A 42 2.40 16.07 -0.40
N ILE A 43 2.64 16.69 -1.55
CA ILE A 43 3.33 16.06 -2.66
C ILE A 43 4.56 16.89 -2.98
N PRO A 44 5.74 16.24 -3.07
CA PRO A 44 6.99 16.91 -3.46
C PRO A 44 6.90 17.35 -4.91
N PRO A 45 7.59 18.44 -5.30
CA PRO A 45 7.60 18.88 -6.70
C PRO A 45 8.08 17.80 -7.68
N HIS A 46 7.50 17.73 -8.87
CA HIS A 46 7.85 16.66 -9.82
C HIS A 46 9.35 16.62 -10.12
N LYS A 47 9.86 15.44 -10.44
CA LYS A 47 11.29 15.25 -10.66
C LYS A 47 11.71 15.58 -12.09
N GLN A 48 10.81 15.36 -13.04
CA GLN A 48 11.16 15.47 -14.45
C GLN A 48 10.14 16.28 -15.27
N GLY A 49 9.74 17.42 -14.74
CA GLY A 49 8.95 18.39 -15.49
C GLY A 49 7.52 18.00 -15.77
N ARG A 50 7.02 16.98 -15.07
CA ARG A 50 5.62 16.59 -15.25
C ARG A 50 4.74 17.20 -14.15
N ASN A 51 3.45 16.97 -14.25
CA ASN A 51 2.47 17.63 -13.40
C ASN A 51 2.26 16.96 -12.05
N ILE A 52 2.14 17.77 -11.00
CA ILE A 52 1.49 17.32 -9.79
C ILE A 52 0.30 18.26 -9.63
N THR A 53 -0.83 17.73 -9.18
CA THR A 53 -2.01 18.56 -8.92
C THR A 53 -1.75 19.45 -7.72
N SER A 54 -2.10 20.74 -7.83
CA SER A 54 -1.76 21.70 -6.78
C SER A 54 -2.41 21.42 -5.43
N VAL A 55 -1.78 21.92 -4.38
CA VAL A 55 -2.38 21.86 -3.06
C VAL A 55 -3.77 22.51 -3.08
N GLU A 56 -3.89 23.68 -3.70
CA GLU A 56 -5.17 24.39 -3.75
C GLU A 56 -6.24 23.54 -4.44
N SER A 57 -5.87 22.88 -5.54
CA SER A 57 -6.84 22.08 -6.30
C SER A 57 -7.28 20.81 -5.57
N ARG A 58 -6.33 20.14 -4.95
CA ARG A 58 -6.65 18.92 -4.24
C ARG A 58 -7.51 19.27 -3.03
N LEU A 59 -7.18 20.38 -2.38
CA LEU A 59 -7.96 20.79 -1.21
C LEU A 59 -9.39 21.13 -1.61
N GLN A 60 -9.54 21.90 -2.69
CA GLN A 60 -10.89 22.26 -3.13
C GLN A 60 -11.76 21.06 -3.53
N MET A 61 -11.18 20.12 -4.27
CA MET A 61 -11.90 18.89 -4.57
C MET A 61 -12.32 18.15 -3.31
N LEU A 62 -11.43 18.08 -2.33
CA LEU A 62 -11.74 17.37 -1.08
C LEU A 62 -12.90 18.06 -0.35
N GLU A 63 -12.85 19.39 -0.32
CA GLU A 63 -13.95 20.18 0.24
C GLU A 63 -15.27 19.78 -0.41
N LEU A 64 -15.33 19.94 -1.73
CA LEU A 64 -16.51 19.55 -2.49
C LEU A 64 -16.97 18.12 -2.22
N ALA A 65 -16.03 17.20 -2.03
CA ALA A 65 -16.38 15.80 -1.87
C ALA A 65 -16.97 15.54 -0.50
N THR A 66 -16.58 16.35 0.48
CA THR A 66 -16.93 16.06 1.87
C THR A 66 -17.96 17.04 2.44
N GLU A 67 -17.97 18.26 1.91
CA GLU A 67 -18.85 19.34 2.37
C GLU A 67 -20.22 18.92 2.91
N ALA A 68 -20.88 17.98 2.27
CA ALA A 68 -22.27 17.66 2.57
C ALA A 68 -22.47 16.76 3.79
N GLU A 69 -21.40 16.10 4.23
CA GLU A 69 -21.50 15.11 5.30
C GLU A 69 -21.02 15.69 6.62
N GLU A 70 -21.94 16.02 7.52
CA GLU A 70 -21.55 16.73 8.74
C GLU A 70 -20.43 16.04 9.49
N HIS A 71 -20.37 14.72 9.40
CA HIS A 71 -19.42 13.96 10.22
C HIS A 71 -18.06 13.72 9.57
N PHE A 72 -17.81 14.34 8.41
CA PHE A 72 -16.48 14.34 7.78
C PHE A 72 -15.88 15.72 7.95
N SER A 73 -14.57 15.81 8.07
CA SER A 73 -13.92 17.12 8.05
C SER A 73 -12.58 16.95 7.39
N ILE A 74 -11.91 18.06 7.15
CA ILE A 74 -10.57 18.01 6.58
C ILE A 74 -9.55 18.49 7.60
N CYS A 75 -8.53 17.67 7.80
CA CYS A 75 -7.42 18.05 8.67
C CYS A 75 -6.24 18.51 7.81
N LEU A 76 -5.78 19.74 8.05
CA LEU A 76 -4.77 20.37 7.22
C LEU A 76 -3.33 20.22 7.73
N GLU A 77 -3.12 19.33 8.69
CA GLU A 77 -1.83 19.23 9.36
C GLU A 77 -0.66 18.96 8.40
N GLU A 78 -0.85 18.05 7.45
CA GLU A 78 0.24 17.73 6.53
C GLU A 78 0.26 18.72 5.38
N LEU A 79 -0.93 19.14 4.97
CA LEU A 79 -1.07 19.96 3.76
C LEU A 79 -0.44 21.32 3.96
N SER A 80 -0.37 21.76 5.21
CA SER A 80 0.12 23.09 5.53
C SER A 80 1.65 23.12 5.55
N ARG A 81 2.26 21.93 5.57
CA ARG A 81 3.71 21.83 5.56
C ARG A 81 4.25 21.93 4.13
N LYS A 82 5.53 22.26 4.03
CA LYS A 82 6.16 22.46 2.74
C LYS A 82 6.39 21.15 2.01
N GLY A 83 6.84 20.14 2.76
CA GLY A 83 7.14 18.83 2.21
C GLY A 83 6.31 17.73 2.86
N PRO A 84 6.46 16.49 2.37
CA PRO A 84 5.72 15.36 2.94
C PRO A 84 6.08 15.16 4.39
N SER A 85 5.21 14.45 5.10
CA SER A 85 5.40 14.14 6.50
C SER A 85 5.32 12.65 6.72
N TYR A 86 6.13 12.17 7.66
CA TYR A 86 5.97 10.83 8.18
C TYR A 86 4.72 10.84 9.04
N THR A 87 3.92 9.77 8.99
CA THR A 87 2.71 9.71 9.81
C THR A 87 3.01 9.88 11.30
N TYR A 88 4.11 9.30 11.76
CA TYR A 88 4.50 9.51 13.16
C TYR A 88 4.56 11.01 13.49
N ASP A 89 5.30 11.79 12.70
CA ASP A 89 5.41 13.22 12.99
C ASP A 89 4.05 13.94 12.98
N THR A 90 3.22 13.63 11.99
CA THR A 90 1.86 14.19 11.92
C THR A 90 1.02 13.86 13.16
N MET A 91 0.99 12.60 13.53
CA MET A 91 0.21 12.18 14.70
C MET A 91 0.76 12.72 16.03
N LEU A 92 2.08 12.90 16.11
CA LEU A 92 2.64 13.54 17.28
C LEU A 92 2.05 14.94 17.42
N GLN A 93 2.06 15.68 16.33
CA GLN A 93 1.49 17.03 16.31
C GLN A 93 0.00 17.05 16.64
N LEU A 94 -0.77 16.15 16.03
CA LEU A 94 -2.20 16.12 16.31
C LEU A 94 -2.50 15.75 17.76
N THR A 95 -1.67 14.88 18.33
CA THR A 95 -1.78 14.51 19.74
C THR A 95 -1.51 15.72 20.66
N LYS A 96 -0.59 16.58 20.25
CA LYS A 96 -0.33 17.81 21.00
C LYS A 96 -1.53 18.73 20.91
N LYS A 97 -2.04 18.87 19.69
CA LYS A 97 -3.08 19.86 19.41
C LYS A 97 -4.43 19.44 20.00
N TYR A 98 -4.63 18.14 20.16
CA TYR A 98 -5.92 17.61 20.55
C TYR A 98 -5.77 16.50 21.60
N PRO A 99 -5.49 16.89 22.85
CA PRO A 99 -5.19 15.93 23.91
C PRO A 99 -6.36 15.00 24.23
N ASP A 100 -7.58 15.49 24.01
CA ASP A 100 -8.79 14.74 24.33
C ASP A 100 -9.23 13.82 23.20
N VAL A 101 -8.40 13.65 22.19
CA VAL A 101 -8.83 12.85 21.05
C VAL A 101 -8.12 11.51 20.96
N GLN A 102 -8.89 10.47 20.65
CA GLN A 102 -8.34 9.16 20.36
C GLN A 102 -8.40 8.92 18.87
N PHE A 103 -7.25 8.70 18.26
CA PHE A 103 -7.15 8.61 16.81
C PHE A 103 -7.19 7.16 16.30
N HIS A 104 -8.01 6.92 15.29
CA HIS A 104 -8.12 5.64 14.61
C HIS A 104 -7.64 5.87 13.20
N PHE A 105 -6.43 5.38 12.91
CA PHE A 105 -5.76 5.69 11.65
C PHE A 105 -6.06 4.60 10.63
N ILE A 106 -6.80 4.95 9.58
CA ILE A 106 -7.32 3.96 8.63
C ILE A 106 -6.29 3.62 7.55
N ILE A 107 -6.01 2.33 7.37
CA ILE A 107 -5.11 1.89 6.30
C ILE A 107 -5.72 0.77 5.46
N GLY A 108 -5.29 0.67 4.21
CA GLY A 108 -5.73 -0.40 3.32
C GLY A 108 -5.23 -1.74 3.82
N GLY A 109 -5.95 -2.79 3.47
CA GLY A 109 -5.58 -4.14 3.90
C GLY A 109 -4.18 -4.52 3.47
N ASP A 110 -3.79 -4.10 2.26
CA ASP A 110 -2.46 -4.44 1.75
C ASP A 110 -1.36 -3.72 2.52
N MET A 111 -1.73 -2.64 3.20
CA MET A 111 -0.74 -1.86 3.94
C MET A 111 -0.29 -2.58 5.20
N VAL A 112 -1.17 -3.42 5.74
CA VAL A 112 -0.95 -4.01 7.06
C VAL A 112 0.35 -4.80 7.18
N GLU A 113 0.64 -5.63 6.20
CA GLU A 113 1.85 -6.44 6.30
C GLU A 113 3.13 -5.60 6.25
N TYR A 114 3.03 -4.35 5.77
CA TYR A 114 4.23 -3.50 5.68
C TYR A 114 4.39 -2.47 6.83
N LEU A 115 3.42 -2.41 7.74
CA LEU A 115 3.52 -1.53 8.93
C LEU A 115 4.88 -1.50 9.62
N PRO A 116 5.56 -2.65 9.76
CA PRO A 116 6.85 -2.62 10.46
C PRO A 116 7.90 -1.75 9.78
N LYS A 117 7.68 -1.37 8.53
CA LYS A 117 8.64 -0.53 7.79
C LYS A 117 8.31 0.97 7.84
N TRP A 118 7.21 1.32 8.49
CA TRP A 118 6.87 2.73 8.67
C TRP A 118 7.86 3.37 9.62
N TYR A 119 8.18 4.62 9.36
CA TYR A 119 9.07 5.37 10.22
C TYR A 119 8.55 5.36 11.67
N ASN A 120 9.42 5.01 12.63
CA ASN A 120 9.06 5.09 14.04
C ASN A 120 7.76 4.35 14.38
N ILE A 121 7.56 3.20 13.76
CA ILE A 121 6.33 2.45 13.94
C ILE A 121 5.99 2.15 15.41
N GLU A 122 6.97 1.79 16.22
CA GLU A 122 6.66 1.42 17.59
C GLU A 122 6.08 2.61 18.33
N ALA A 123 6.67 3.78 18.09
CA ALA A 123 6.23 5.01 18.75
C ALA A 123 4.90 5.47 18.19
N LEU A 124 4.68 5.25 16.89
CA LEU A 124 3.38 5.51 16.26
C LEU A 124 2.24 4.69 16.87
N LEU A 125 2.49 3.41 17.17
CA LEU A 125 1.45 2.58 17.76
C LEU A 125 0.95 3.17 19.08
N ASP A 126 1.80 3.94 19.76
CA ASP A 126 1.41 4.53 21.04
C ASP A 126 0.59 5.79 20.83
N LEU A 127 0.54 6.27 19.59
CA LEU A 127 -0.18 7.51 19.27
C LEU A 127 -1.55 7.25 18.63
N VAL A 128 -1.69 6.11 17.95
CA VAL A 128 -2.93 5.81 17.23
C VAL A 128 -3.34 4.37 17.39
N THR A 129 -4.61 4.10 17.09
CA THR A 129 -5.06 2.75 16.87
C THR A 129 -5.24 2.57 15.36
N PHE A 130 -4.52 1.63 14.75
CA PHE A 130 -4.70 1.38 13.32
C PHE A 130 -6.01 0.67 13.07
N VAL A 131 -6.64 1.04 11.96
CA VAL A 131 -7.87 0.36 11.53
C VAL A 131 -7.60 -0.13 10.14
N GLY A 132 -7.39 -1.45 10.00
CA GLY A 132 -7.15 -2.03 8.71
C GLY A 132 -8.45 -2.45 8.04
N VAL A 133 -8.54 -2.20 6.73
CA VAL A 133 -9.72 -2.52 5.95
C VAL A 133 -9.52 -3.90 5.34
N ALA A 134 -10.45 -4.82 5.59
CA ALA A 134 -10.37 -6.16 5.01
C ALA A 134 -11.61 -6.43 4.16
N ARG A 135 -11.47 -7.32 3.18
CA ARG A 135 -12.61 -7.76 2.38
C ARG A 135 -13.49 -8.67 3.22
N PRO A 136 -14.81 -8.59 3.03
CA PRO A 136 -15.72 -9.32 3.92
C PRO A 136 -15.32 -10.76 4.17
N GLY A 137 -15.35 -11.18 5.44
CA GLY A 137 -15.08 -12.54 5.82
C GLY A 137 -13.61 -12.85 6.09
N TYR A 138 -12.73 -11.88 5.82
CA TYR A 138 -11.30 -12.16 5.85
C TYR A 138 -10.54 -11.28 6.82
N LYS A 139 -9.32 -11.71 7.16
CA LYS A 139 -8.61 -11.14 8.29
C LYS A 139 -7.20 -10.69 7.96
N LEU A 140 -6.78 -9.63 8.64
CA LEU A 140 -5.46 -9.09 8.47
C LEU A 140 -4.56 -9.68 9.53
N ARG A 141 -3.30 -9.89 9.18
CA ARG A 141 -2.36 -10.52 10.09
C ARG A 141 -1.20 -9.58 10.32
N THR A 142 -0.92 -9.31 11.58
CA THR A 142 0.16 -8.42 11.95
C THR A 142 0.48 -8.74 13.39
N PRO A 143 1.75 -8.54 13.80
CA PRO A 143 2.12 -8.69 15.21
C PRO A 143 1.48 -7.59 16.03
N TYR A 144 1.11 -6.50 15.37
CA TYR A 144 0.62 -5.31 16.05
C TYR A 144 -0.86 -5.39 16.41
N PRO A 145 -1.25 -4.71 17.50
CA PRO A 145 -2.64 -4.72 17.94
C PRO A 145 -3.45 -3.74 17.12
N ILE A 146 -4.13 -4.21 16.08
CA ILE A 146 -4.90 -3.32 15.24
C ILE A 146 -6.37 -3.71 15.26
N THR A 147 -7.20 -2.78 14.80
CA THR A 147 -8.63 -2.98 14.64
C THR A 147 -8.88 -3.32 13.18
N THR A 148 -9.84 -4.20 12.93
CA THR A 148 -10.19 -4.58 11.56
C THR A 148 -11.64 -4.19 11.24
N VAL A 149 -11.85 -3.54 10.10
CA VAL A 149 -13.19 -3.26 9.61
C VAL A 149 -13.36 -3.88 8.23
N GLU A 150 -14.42 -4.67 8.05
CA GLU A 150 -14.73 -5.24 6.74
C GLU A 150 -15.43 -4.26 5.85
N ILE A 151 -14.90 -4.07 4.64
CA ILE A 151 -15.55 -3.21 3.66
C ILE A 151 -15.49 -3.91 2.32
N PRO A 152 -16.60 -3.93 1.57
CA PRO A 152 -16.52 -4.56 0.24
C PRO A 152 -15.49 -3.82 -0.61
N GLU A 153 -14.81 -4.54 -1.51
CA GLU A 153 -13.90 -3.88 -2.44
C GLU A 153 -14.68 -3.27 -3.59
N PHE A 154 -14.77 -1.94 -3.57
CA PHE A 154 -15.57 -1.22 -4.54
C PHE A 154 -14.78 -0.90 -5.81
N ALA A 155 -13.46 -0.97 -5.72
CA ALA A 155 -12.60 -0.94 -6.89
C ALA A 155 -12.46 0.39 -7.62
N VAL A 156 -13.07 1.46 -7.12
CA VAL A 156 -12.88 2.77 -7.72
C VAL A 156 -11.46 3.21 -7.36
N SER A 157 -10.74 3.78 -8.32
CA SER A 157 -9.39 4.27 -8.03
C SER A 157 -9.11 5.63 -8.67
N SER A 158 -8.32 6.44 -7.98
CA SER A 158 -7.91 7.72 -8.56
C SER A 158 -7.13 7.49 -9.85
N SER A 159 -6.37 6.40 -9.88
CA SER A 159 -5.51 6.13 -11.04
C SER A 159 -6.34 5.83 -12.28
N LEU A 160 -7.54 5.32 -12.09
CA LEU A 160 -8.39 5.05 -13.24
C LEU A 160 -9.13 6.31 -13.68
N LEU A 161 -9.58 7.11 -12.70
CA LEU A 161 -10.32 8.34 -12.98
C LEU A 161 -9.48 9.35 -13.75
N ARG A 162 -8.24 9.59 -13.30
CA ARG A 162 -7.38 10.55 -13.99
C ARG A 162 -7.24 10.24 -15.47
N GLU A 163 -7.12 8.95 -15.80
CA GLU A 163 -6.96 8.55 -17.19
C GLU A 163 -8.22 8.83 -17.98
N ARG A 164 -9.38 8.69 -17.33
CA ARG A 164 -10.63 9.04 -18.01
C ARG A 164 -10.64 10.53 -18.36
N TYR A 165 -10.21 11.37 -17.41
CA TYR A 165 -10.23 12.81 -17.64
C TYR A 165 -9.24 13.21 -18.72
N LYS A 166 -8.09 12.55 -18.72
CA LYS A 166 -7.09 12.73 -19.77
C LYS A 166 -7.70 12.47 -21.14
N GLU A 167 -8.65 11.53 -21.19
CA GLU A 167 -9.36 11.18 -22.43
C GLU A 167 -10.65 11.96 -22.64
N LYS A 168 -10.85 12.97 -21.81
CA LYS A 168 -11.99 13.88 -21.93
C LYS A 168 -13.34 13.18 -21.74
N LYS A 169 -13.30 12.05 -21.03
CA LYS A 169 -14.50 11.37 -20.56
C LYS A 169 -14.98 11.94 -19.25
N THR A 170 -16.25 11.75 -18.93
CA THR A 170 -16.77 12.14 -17.63
C THR A 170 -16.54 11.05 -16.57
N CYS A 171 -16.47 11.45 -15.30
CA CYS A 171 -16.44 10.48 -14.23
C CYS A 171 -17.71 10.52 -13.37
N LYS A 172 -18.80 11.01 -13.97
CA LYS A 172 -20.09 11.02 -13.29
C LYS A 172 -20.38 9.61 -12.78
N TYR A 173 -21.02 9.52 -11.62
CA TYR A 173 -21.31 8.26 -10.94
C TYR A 173 -20.11 7.53 -10.30
N LEU A 174 -18.91 8.11 -10.41
CA LEU A 174 -17.75 7.53 -9.75
C LEU A 174 -17.23 8.42 -8.61
N LEU A 175 -17.64 9.68 -8.62
CA LEU A 175 -17.31 10.65 -7.57
C LEU A 175 -18.43 11.68 -7.46
N PRO A 176 -18.44 12.46 -6.35
CA PRO A 176 -19.54 13.42 -6.17
C PRO A 176 -19.64 14.36 -7.36
N GLU A 177 -20.86 14.70 -7.72
CA GLU A 177 -21.10 15.54 -8.87
C GLU A 177 -20.32 16.84 -8.79
N LYS A 178 -20.24 17.43 -7.59
CA LYS A 178 -19.56 18.71 -7.47
C LYS A 178 -18.10 18.59 -7.84
N VAL A 179 -17.51 17.44 -7.56
CA VAL A 179 -16.10 17.24 -7.89
C VAL A 179 -15.95 17.12 -9.40
N GLN A 180 -16.81 16.34 -10.02
CA GLN A 180 -16.81 16.21 -11.47
C GLN A 180 -16.90 17.59 -12.15
N VAL A 181 -17.84 18.41 -11.70
CA VAL A 181 -18.04 19.73 -12.28
C VAL A 181 -16.78 20.61 -12.14
N TYR A 182 -16.11 20.50 -11.00
CA TYR A 182 -14.90 21.27 -10.73
C TYR A 182 -13.72 20.80 -11.58
N ILE A 183 -13.55 19.49 -11.71
CA ILE A 183 -12.45 18.94 -12.49
C ILE A 183 -12.54 19.25 -13.98
N GLU A 184 -13.67 18.98 -14.61
CA GLU A 184 -13.79 19.20 -16.05
C GLU A 184 -13.65 20.68 -16.38
N ARG A 185 -14.21 21.51 -15.50
CA ARG A 185 -14.09 22.96 -15.68
C ARG A 185 -12.65 23.45 -15.65
N ASN A 186 -11.90 23.02 -14.65
CA ASN A 186 -10.53 23.50 -14.51
C ASN A 186 -9.54 22.74 -15.37
N GLY A 187 -10.03 21.76 -16.12
CA GLY A 187 -9.16 21.02 -17.02
C GLY A 187 -8.08 20.26 -16.28
N LEU A 188 -8.39 19.85 -15.05
CA LEU A 188 -7.48 18.99 -14.33
C LEU A 188 -7.38 17.68 -15.05
N TYR A 189 -6.22 17.05 -14.94
CA TYR A 189 -6.00 15.70 -15.44
C TYR A 189 -6.02 15.60 -16.97
N GLU A 190 -6.01 16.74 -17.65
CA GLU A 190 -5.84 16.74 -19.09
C GLU A 190 -4.38 16.39 -19.38
N SER A 191 -3.53 16.66 -18.39
CA SER A 191 -2.11 16.33 -18.40
C SER A 191 -1.27 17.39 -19.08
N MET B 3 25.43 -4.07 -17.19
CA MET B 3 24.91 -4.05 -15.83
C MET B 3 23.61 -4.84 -15.73
N ARG B 4 23.61 -5.84 -14.85
CA ARG B 4 22.49 -6.77 -14.71
C ARG B 4 21.22 -6.08 -14.21
N LYS B 5 20.07 -6.43 -14.80
CA LYS B 5 18.79 -5.91 -14.34
C LYS B 5 18.07 -6.95 -13.47
N ILE B 6 17.87 -6.61 -12.21
CA ILE B 6 17.32 -7.58 -11.26
C ILE B 6 16.12 -6.99 -10.55
N GLY B 7 15.05 -7.77 -10.45
CA GLY B 7 13.86 -7.30 -9.76
C GLY B 7 13.88 -7.68 -8.29
N ILE B 8 13.28 -6.82 -7.46
CA ILE B 8 13.01 -7.21 -6.09
C ILE B 8 11.51 -7.16 -5.83
N ILE B 9 10.97 -8.21 -5.24
CA ILE B 9 9.59 -8.19 -4.72
C ILE B 9 9.63 -8.55 -3.25
N GLY B 10 9.25 -7.61 -2.40
CA GLY B 10 9.33 -7.80 -0.96
C GLY B 10 7.98 -8.02 -0.34
N GLY B 11 7.96 -8.69 0.81
CA GLY B 11 6.71 -8.97 1.50
C GLY B 11 6.96 -10.02 2.57
N THR B 12 5.93 -10.40 3.32
CA THR B 12 6.07 -11.46 4.32
C THR B 12 5.75 -12.83 3.74
N PHE B 13 5.18 -12.84 2.53
CA PHE B 13 4.90 -14.09 1.82
C PHE B 13 4.28 -15.15 2.75
N ASP B 14 3.08 -14.84 3.21
CA ASP B 14 2.48 -15.50 4.37
C ASP B 14 1.00 -15.82 4.13
N PRO B 15 0.71 -16.65 3.12
CA PRO B 15 1.66 -17.37 2.27
C PRO B 15 1.92 -16.74 0.88
N PRO B 16 3.00 -17.17 0.23
CA PRO B 16 3.24 -16.81 -1.17
C PRO B 16 2.15 -17.46 -2.02
N HIS B 17 1.74 -16.81 -3.10
CA HIS B 17 0.64 -17.32 -3.93
C HIS B 17 0.78 -16.92 -5.40
N TYR B 18 -0.14 -17.40 -6.23
CA TYR B 18 -0.06 -17.13 -7.67
C TYR B 18 -0.05 -15.65 -7.98
N GLY B 19 -0.66 -14.87 -7.10
CA GLY B 19 -0.67 -13.43 -7.28
C GLY B 19 0.74 -12.87 -7.23
N HIS B 20 1.54 -13.34 -6.28
CA HIS B 20 2.93 -12.91 -6.18
C HIS B 20 3.73 -13.37 -7.39
N LEU B 21 3.49 -14.60 -7.83
CA LEU B 21 4.29 -15.17 -8.90
C LEU B 21 3.93 -14.46 -10.20
N LEU B 22 2.64 -14.16 -10.36
CA LEU B 22 2.15 -13.46 -11.55
C LEU B 22 2.81 -12.08 -11.68
N ILE B 23 2.88 -11.37 -10.56
CA ILE B 23 3.46 -10.03 -10.55
C ILE B 23 4.95 -10.09 -10.86
N ALA B 24 5.65 -10.98 -10.18
CA ALA B 24 7.08 -11.14 -10.43
C ALA B 24 7.35 -11.50 -11.90
N ASN B 25 6.55 -12.42 -12.44
CA ASN B 25 6.68 -12.85 -13.83
C ASN B 25 6.42 -11.72 -14.83
N GLU B 26 5.36 -10.94 -14.59
CA GLU B 26 4.99 -9.86 -15.50
C GLU B 26 6.07 -8.80 -15.54
N VAL B 27 6.63 -8.47 -14.38
CA VAL B 27 7.71 -7.50 -14.39
C VAL B 27 8.93 -8.09 -15.09
N TYR B 28 9.23 -9.36 -14.79
CA TYR B 28 10.34 -10.05 -15.43
C TYR B 28 10.26 -9.94 -16.95
N HIS B 29 9.08 -10.21 -17.51
CA HIS B 29 8.92 -10.13 -18.97
C HIS B 29 8.83 -8.71 -19.51
N ALA B 30 8.15 -7.83 -18.79
CA ALA B 30 7.91 -6.48 -19.29
C ALA B 30 9.19 -5.65 -19.35
N LEU B 31 10.08 -5.85 -18.38
CA LEU B 31 11.30 -5.04 -18.30
C LEU B 31 12.53 -5.84 -18.76
N ASN B 32 12.31 -7.06 -19.22
CA ASN B 32 13.39 -7.92 -19.66
C ASN B 32 14.49 -8.03 -18.60
N LEU B 33 14.09 -8.38 -17.38
CA LEU B 33 15.02 -8.56 -16.27
C LEU B 33 15.83 -9.85 -16.40
N GLU B 34 16.99 -9.89 -15.76
CA GLU B 34 17.76 -11.14 -15.70
C GLU B 34 17.07 -12.11 -14.77
N GLU B 35 16.54 -11.57 -13.68
CA GLU B 35 16.10 -12.35 -12.55
C GLU B 35 15.18 -11.50 -11.68
N VAL B 36 14.37 -12.16 -10.87
CA VAL B 36 13.59 -11.46 -9.84
C VAL B 36 13.91 -12.14 -8.51
N TRP B 37 14.34 -11.37 -7.52
CA TRP B 37 14.58 -11.91 -6.19
C TRP B 37 13.38 -11.65 -5.29
N PHE B 38 12.87 -12.71 -4.66
CA PHE B 38 11.84 -12.57 -3.64
C PHE B 38 12.52 -12.23 -2.31
N LEU B 39 12.05 -11.16 -1.68
CA LEU B 39 12.73 -10.62 -0.51
C LEU B 39 11.87 -10.73 0.75
N PRO B 40 11.97 -11.87 1.45
CA PRO B 40 11.13 -12.05 2.64
C PRO B 40 11.44 -11.06 3.75
N ASN B 41 10.39 -10.42 4.27
CA ASN B 41 10.52 -9.41 5.32
C ASN B 41 10.64 -10.07 6.69
N GLN B 42 11.32 -9.42 7.61
CA GLN B 42 11.27 -9.87 9.00
C GLN B 42 9.93 -9.42 9.58
N ILE B 43 9.34 -10.26 10.43
CA ILE B 43 8.14 -9.88 11.18
C ILE B 43 8.56 -9.73 12.63
N PRO B 44 8.46 -8.51 13.19
CA PRO B 44 8.94 -8.29 14.55
C PRO B 44 8.02 -8.92 15.59
N PRO B 45 8.60 -9.45 16.67
CA PRO B 45 7.74 -9.93 17.76
C PRO B 45 7.08 -8.72 18.40
N HIS B 46 5.96 -8.91 19.08
CA HIS B 46 5.32 -7.81 19.77
C HIS B 46 4.64 -8.29 21.05
N ASN B 51 -0.08 -14.78 17.17
CA ASN B 51 0.32 -15.80 16.20
C ASN B 51 1.09 -15.26 14.99
N ILE B 52 2.37 -15.59 14.92
CA ILE B 52 3.22 -15.19 13.80
C ILE B 52 3.78 -16.45 13.14
N THR B 53 3.74 -16.47 11.81
CA THR B 53 4.32 -17.58 11.06
C THR B 53 5.84 -17.55 11.13
N SER B 54 6.43 -18.67 11.55
CA SER B 54 7.87 -18.74 11.79
C SER B 54 8.65 -18.38 10.53
N VAL B 55 9.85 -17.84 10.71
CA VAL B 55 10.70 -17.55 9.56
C VAL B 55 10.96 -18.83 8.78
N GLU B 56 11.14 -19.93 9.50
CA GLU B 56 11.48 -21.19 8.85
C GLU B 56 10.35 -21.61 7.91
N SER B 57 9.12 -21.59 8.41
CA SER B 57 7.95 -21.91 7.57
C SER B 57 7.75 -20.96 6.38
N ARG B 58 7.95 -19.67 6.58
CA ARG B 58 7.82 -18.74 5.46
C ARG B 58 8.90 -18.99 4.39
N LEU B 59 10.15 -19.20 4.81
CA LEU B 59 11.20 -19.50 3.86
C LEU B 59 10.92 -20.80 3.13
N GLN B 60 10.40 -21.79 3.85
CA GLN B 60 10.09 -23.07 3.24
C GLN B 60 9.03 -22.90 2.15
N MET B 61 7.97 -22.16 2.47
CA MET B 61 6.92 -21.89 1.49
C MET B 61 7.49 -21.15 0.27
N LEU B 62 8.32 -20.15 0.53
CA LEU B 62 8.88 -19.36 -0.56
C LEU B 62 9.76 -20.24 -1.47
N GLU B 63 10.53 -21.12 -0.85
CA GLU B 63 11.33 -22.08 -1.60
C GLU B 63 10.42 -22.98 -2.44
N LEU B 64 9.35 -23.49 -1.84
CA LEU B 64 8.42 -24.33 -2.57
C LEU B 64 7.71 -23.57 -3.70
N ALA B 65 7.50 -22.28 -3.49
CA ALA B 65 6.77 -21.47 -4.45
C ALA B 65 7.64 -21.16 -5.66
N THR B 66 8.95 -21.12 -5.46
CA THR B 66 9.85 -20.63 -6.48
C THR B 66 10.78 -21.69 -7.07
N GLU B 67 10.66 -22.94 -6.60
CA GLU B 67 11.57 -24.01 -7.00
C GLU B 67 11.46 -24.37 -8.50
N ALA B 68 10.30 -24.11 -9.07
CA ALA B 68 10.03 -24.52 -10.44
C ALA B 68 10.44 -23.45 -11.45
N GLU B 69 10.50 -22.20 -11.00
CA GLU B 69 10.75 -21.08 -11.90
C GLU B 69 12.23 -20.71 -11.96
N GLU B 70 12.81 -20.81 -13.16
CA GLU B 70 14.25 -20.58 -13.33
C GLU B 70 14.75 -19.18 -12.93
N HIS B 71 13.94 -18.16 -13.17
CA HIS B 71 14.38 -16.78 -12.99
C HIS B 71 13.89 -16.13 -11.69
N PHE B 72 13.43 -16.97 -10.76
CA PHE B 72 13.05 -16.52 -9.41
C PHE B 72 14.04 -17.05 -8.38
N SER B 73 14.59 -16.15 -7.56
CA SER B 73 15.50 -16.53 -6.48
C SER B 73 14.99 -15.95 -5.17
N ILE B 74 15.52 -16.45 -4.05
CA ILE B 74 15.22 -15.85 -2.74
C ILE B 74 16.42 -15.05 -2.23
N CYS B 75 16.18 -13.82 -1.78
CA CYS B 75 17.22 -12.99 -1.20
C CYS B 75 16.98 -12.84 0.30
N LEU B 76 17.95 -13.27 1.09
CA LEU B 76 17.81 -13.38 2.54
C LEU B 76 18.27 -12.13 3.28
N GLU B 77 18.60 -11.07 2.55
CA GLU B 77 19.17 -9.87 3.16
C GLU B 77 18.40 -9.43 4.39
N GLU B 78 17.08 -9.35 4.30
CA GLU B 78 16.34 -8.80 5.43
C GLU B 78 16.30 -9.78 6.60
N LEU B 79 16.21 -11.07 6.32
CA LEU B 79 16.16 -12.04 7.41
C LEU B 79 17.47 -12.09 8.18
N SER B 80 18.52 -11.49 7.64
CA SER B 80 19.84 -11.50 8.29
C SER B 80 20.03 -10.34 9.27
N ARG B 81 18.94 -9.67 9.63
CA ARG B 81 18.97 -8.64 10.66
C ARG B 81 17.82 -8.87 11.64
N LYS B 82 17.87 -8.29 12.83
CA LYS B 82 16.94 -8.68 13.90
C LYS B 82 15.54 -8.06 13.90
N GLY B 83 15.46 -6.73 13.80
CA GLY B 83 14.18 -6.03 13.84
C GLY B 83 13.55 -5.96 12.46
N PRO B 84 12.88 -4.85 12.12
CA PRO B 84 12.47 -4.55 10.74
C PRO B 84 13.56 -3.78 10.00
N SER B 85 13.56 -3.83 8.66
CA SER B 85 14.49 -3.04 7.86
C SER B 85 13.68 -2.09 7.02
N TYR B 86 14.10 -0.83 6.97
CA TYR B 86 13.57 0.04 5.94
C TYR B 86 14.12 -0.48 4.63
N THR B 87 13.37 -0.27 3.56
CA THR B 87 13.83 -0.69 2.25
C THR B 87 15.14 0.02 1.94
N TYR B 88 15.27 1.27 2.38
CA TYR B 88 16.55 1.96 2.27
C TYR B 88 17.75 1.17 2.84
N ASP B 89 17.60 0.64 4.04
CA ASP B 89 18.68 -0.11 4.70
C ASP B 89 19.07 -1.31 3.86
N THR B 90 18.06 -2.04 3.40
CA THR B 90 18.26 -3.22 2.60
C THR B 90 18.98 -2.92 1.29
N MET B 91 18.53 -1.89 0.61
CA MET B 91 19.06 -1.55 -0.71
C MET B 91 20.46 -0.95 -0.60
N LEU B 92 20.76 -0.35 0.54
CA LEU B 92 22.10 0.13 0.78
C LEU B 92 23.07 -1.05 0.79
N GLN B 93 22.64 -2.14 1.42
CA GLN B 93 23.49 -3.33 1.53
C GLN B 93 23.54 -4.12 0.23
N LEU B 94 22.43 -4.22 -0.49
CA LEU B 94 22.44 -4.96 -1.75
C LEU B 94 23.21 -4.23 -2.85
N THR B 95 23.11 -2.91 -2.89
CA THR B 95 23.87 -2.16 -3.87
C THR B 95 25.38 -2.28 -3.58
N LYS B 96 25.74 -2.33 -2.30
CA LYS B 96 27.13 -2.56 -1.93
C LYS B 96 27.59 -3.93 -2.39
N LYS B 97 26.80 -4.95 -2.07
CA LYS B 97 27.17 -6.33 -2.36
C LYS B 97 27.18 -6.63 -3.86
N TYR B 98 26.34 -5.91 -4.60
CA TYR B 98 26.22 -6.12 -6.03
C TYR B 98 26.28 -4.77 -6.75
N PRO B 99 27.48 -4.18 -6.86
CA PRO B 99 27.65 -2.87 -7.49
C PRO B 99 27.33 -2.92 -8.97
N ASP B 100 27.28 -4.14 -9.51
CA ASP B 100 27.07 -4.38 -10.93
C ASP B 100 25.60 -4.62 -11.25
N VAL B 101 24.72 -4.39 -10.28
CA VAL B 101 23.31 -4.65 -10.49
C VAL B 101 22.45 -3.38 -10.48
N GLN B 102 21.51 -3.30 -11.41
CA GLN B 102 20.52 -2.24 -11.42
C GLN B 102 19.27 -2.84 -10.80
N PHE B 103 18.95 -2.45 -9.58
CA PHE B 103 17.82 -3.05 -8.88
C PHE B 103 16.50 -2.38 -9.21
N HIS B 104 15.50 -3.18 -9.56
CA HIS B 104 14.15 -2.67 -9.81
C HIS B 104 13.23 -3.13 -8.68
N PHE B 105 12.76 -2.18 -7.88
CA PHE B 105 11.98 -2.52 -6.69
C PHE B 105 10.48 -2.45 -6.97
N ILE B 106 9.80 -3.59 -6.92
CA ILE B 106 8.41 -3.69 -7.37
C ILE B 106 7.45 -3.35 -6.24
N ILE B 107 6.53 -2.42 -6.53
CA ILE B 107 5.53 -2.04 -5.54
C ILE B 107 4.12 -2.07 -6.15
N GLY B 108 3.14 -2.38 -5.29
CA GLY B 108 1.74 -2.28 -5.68
C GLY B 108 1.37 -0.89 -6.17
N GLY B 109 0.48 -0.84 -7.16
CA GLY B 109 0.01 0.43 -7.68
C GLY B 109 -0.45 1.36 -6.57
N ASP B 110 -1.23 0.83 -5.63
CA ASP B 110 -1.74 1.62 -4.50
C ASP B 110 -0.65 2.23 -3.57
N MET B 111 0.55 1.64 -3.58
CA MET B 111 1.64 2.17 -2.77
C MET B 111 2.24 3.46 -3.33
N VAL B 112 2.05 3.68 -4.63
CA VAL B 112 2.78 4.76 -5.31
C VAL B 112 2.46 6.13 -4.72
N GLU B 113 1.21 6.40 -4.37
CA GLU B 113 0.90 7.74 -3.89
C GLU B 113 1.49 8.03 -2.51
N TYR B 114 1.98 6.99 -1.83
CA TYR B 114 2.51 7.16 -0.49
C TYR B 114 4.03 7.08 -0.44
N LEU B 115 4.65 6.91 -1.61
CA LEU B 115 6.11 6.82 -1.68
C LEU B 115 6.83 7.93 -0.93
N PRO B 116 6.29 9.15 -0.97
CA PRO B 116 7.00 10.24 -0.27
C PRO B 116 7.17 9.98 1.23
N LYS B 117 6.38 9.07 1.79
CA LYS B 117 6.42 8.82 3.23
C LYS B 117 7.35 7.68 3.59
N TRP B 118 7.98 7.07 2.59
CA TRP B 118 8.92 5.99 2.88
C TRP B 118 10.17 6.58 3.51
N TYR B 119 10.72 5.88 4.49
CA TYR B 119 11.93 6.36 5.14
C TYR B 119 13.06 6.64 4.15
N ASN B 120 13.56 7.88 4.17
CA ASN B 120 14.73 8.26 3.37
C ASN B 120 14.49 8.04 1.88
N ILE B 121 13.30 8.40 1.40
CA ILE B 121 12.91 8.11 0.00
C ILE B 121 13.86 8.68 -1.06
N GLU B 122 14.31 9.91 -0.89
CA GLU B 122 15.20 10.52 -1.88
C GLU B 122 16.48 9.73 -2.05
N ALA B 123 17.06 9.31 -0.94
CA ALA B 123 18.30 8.56 -0.97
C ALA B 123 18.05 7.19 -1.60
N LEU B 124 16.93 6.58 -1.25
CA LEU B 124 16.52 5.30 -1.80
C LEU B 124 16.31 5.40 -3.32
N LEU B 125 15.86 6.56 -3.80
CA LEU B 125 15.66 6.74 -5.24
C LEU B 125 16.97 6.63 -6.01
N ASP B 126 18.08 6.88 -5.33
CA ASP B 126 19.38 6.75 -5.96
C ASP B 126 19.88 5.31 -5.96
N LEU B 127 19.16 4.43 -5.26
CA LEU B 127 19.58 3.04 -5.14
C LEU B 127 18.70 2.08 -5.94
N VAL B 128 17.50 2.53 -6.30
CA VAL B 128 16.56 1.65 -7.00
C VAL B 128 15.80 2.40 -8.07
N THR B 129 15.28 1.61 -9.01
CA THR B 129 14.25 2.05 -9.92
C THR B 129 12.97 1.41 -9.44
N PHE B 130 11.98 2.22 -9.10
CA PHE B 130 10.73 1.67 -8.63
C PHE B 130 9.93 1.20 -9.84
N VAL B 131 9.22 0.10 -9.69
CA VAL B 131 8.33 -0.41 -10.74
C VAL B 131 6.97 -0.54 -10.09
N GLY B 132 6.02 0.28 -10.49
CA GLY B 132 4.69 0.19 -9.92
C GLY B 132 3.84 -0.70 -10.81
N VAL B 133 3.15 -1.66 -10.23
CA VAL B 133 2.28 -2.53 -11.03
C VAL B 133 0.83 -2.02 -10.95
N ALA B 134 0.13 -2.08 -12.07
CA ALA B 134 -1.24 -1.57 -12.08
C ALA B 134 -2.10 -2.32 -13.09
N ARG B 135 -3.40 -2.38 -12.80
CA ARG B 135 -4.35 -3.05 -13.67
C ARG B 135 -4.47 -2.30 -14.98
N PRO B 136 -4.95 -2.99 -16.02
CA PRO B 136 -5.16 -2.31 -17.31
C PRO B 136 -5.99 -1.04 -17.07
N GLY B 137 -5.58 0.06 -17.67
CA GLY B 137 -6.33 1.30 -17.58
C GLY B 137 -6.03 2.18 -16.37
N TYR B 138 -5.07 1.76 -15.56
CA TYR B 138 -4.62 2.57 -14.42
C TYR B 138 -3.34 3.29 -14.83
N LYS B 139 -3.30 4.59 -14.60
CA LYS B 139 -2.08 5.34 -14.84
C LYS B 139 -1.60 5.79 -13.48
N LEU B 140 -0.40 5.37 -13.10
CA LEU B 140 0.14 5.74 -11.80
C LEU B 140 0.71 7.16 -11.83
N ARG B 141 0.58 7.87 -10.73
CA ARG B 141 0.97 9.27 -10.67
C ARG B 141 1.85 9.53 -9.45
N THR B 142 3.07 9.95 -9.72
CA THR B 142 4.02 10.27 -8.67
C THR B 142 4.99 11.31 -9.20
N PRO B 143 5.47 12.19 -8.33
CA PRO B 143 6.48 13.14 -8.83
C PRO B 143 7.81 12.42 -9.11
N TYR B 144 7.97 11.22 -8.57
CA TYR B 144 9.23 10.49 -8.71
C TYR B 144 9.31 9.70 -10.01
N PRO B 145 10.53 9.46 -10.50
CA PRO B 145 10.75 8.74 -11.76
C PRO B 145 10.54 7.25 -11.61
N ILE B 146 9.34 6.73 -11.85
CA ILE B 146 9.17 5.29 -11.77
C ILE B 146 8.73 4.67 -13.09
N THR B 147 8.90 3.36 -13.18
CA THR B 147 8.48 2.59 -14.34
C THR B 147 7.17 1.92 -14.00
N THR B 148 6.29 1.81 -14.99
CA THR B 148 4.99 1.19 -14.77
C THR B 148 4.89 -0.12 -15.53
N VAL B 149 4.26 -1.10 -14.90
CA VAL B 149 3.97 -2.37 -15.56
C VAL B 149 2.50 -2.74 -15.39
N GLU B 150 1.79 -2.92 -16.50
CA GLU B 150 0.40 -3.38 -16.45
C GLU B 150 0.36 -4.84 -16.07
N ILE B 151 -0.46 -5.19 -15.07
CA ILE B 151 -0.58 -6.58 -14.63
C ILE B 151 -2.04 -7.02 -14.64
N PRO B 152 -2.29 -8.25 -15.12
CA PRO B 152 -3.66 -8.79 -15.13
C PRO B 152 -4.20 -8.94 -13.71
N GLU B 153 -5.52 -8.98 -13.58
CA GLU B 153 -6.14 -9.10 -12.26
C GLU B 153 -6.48 -10.56 -11.93
N PHE B 154 -5.92 -11.05 -10.84
CA PHE B 154 -6.25 -12.36 -10.28
C PHE B 154 -6.36 -12.03 -8.79
N ALA B 155 -7.58 -11.94 -8.28
CA ALA B 155 -7.82 -11.42 -6.94
C ALA B 155 -7.55 -12.46 -5.85
N VAL B 156 -6.29 -12.83 -5.70
CA VAL B 156 -5.91 -13.77 -4.66
C VAL B 156 -5.03 -12.97 -3.70
N SER B 157 -5.23 -13.16 -2.39
CA SER B 157 -4.42 -12.43 -1.41
C SER B 157 -4.05 -13.40 -0.31
N SER B 158 -2.97 -13.13 0.41
CA SER B 158 -2.61 -13.99 1.53
C SER B 158 -3.72 -13.96 2.60
N SER B 159 -4.34 -12.81 2.78
CA SER B 159 -5.47 -12.72 3.71
C SER B 159 -6.59 -13.70 3.38
N LEU B 160 -6.91 -13.81 2.10
CA LEU B 160 -7.96 -14.73 1.67
C LEU B 160 -7.51 -16.18 1.89
N LEU B 161 -6.27 -16.50 1.53
CA LEU B 161 -5.81 -17.86 1.71
C LEU B 161 -5.76 -18.29 3.18
N ARG B 162 -5.24 -17.44 4.05
CA ARG B 162 -5.16 -17.82 5.45
C ARG B 162 -6.54 -18.19 6.04
N GLU B 163 -7.57 -17.45 5.67
CA GLU B 163 -8.92 -17.75 6.17
C GLU B 163 -9.52 -19.03 5.57
N ARG B 164 -9.27 -19.27 4.29
CA ARG B 164 -9.69 -20.53 3.70
C ARG B 164 -9.03 -21.67 4.47
N TYR B 165 -7.74 -21.55 4.75
CA TYR B 165 -7.08 -22.63 5.49
C TYR B 165 -7.65 -22.75 6.92
N LYS B 166 -8.01 -21.64 7.53
CA LYS B 166 -8.61 -21.70 8.86
C LYS B 166 -9.93 -22.47 8.82
N GLU B 167 -10.64 -22.31 7.71
CA GLU B 167 -11.95 -22.91 7.52
C GLU B 167 -11.82 -24.33 6.95
N LYS B 168 -10.57 -24.75 6.77
CA LYS B 168 -10.23 -26.06 6.24
C LYS B 168 -10.74 -26.23 4.81
N LYS B 169 -10.72 -25.14 4.06
CA LYS B 169 -11.03 -25.20 2.64
C LYS B 169 -9.75 -25.34 1.83
N THR B 170 -9.86 -26.02 0.70
CA THR B 170 -8.73 -26.15 -0.19
C THR B 170 -8.40 -24.79 -0.84
N CYS B 171 -7.14 -24.62 -1.21
CA CYS B 171 -6.76 -23.43 -1.97
C CYS B 171 -6.15 -23.86 -3.28
N LYS B 172 -6.53 -25.06 -3.74
CA LYS B 172 -6.12 -25.52 -5.06
C LYS B 172 -6.38 -24.43 -6.10
N TYR B 173 -5.46 -24.31 -7.05
CA TYR B 173 -5.56 -23.31 -8.13
C TYR B 173 -5.22 -21.87 -7.74
N LEU B 174 -4.75 -21.63 -6.50
CA LEU B 174 -4.51 -20.28 -6.02
C LEU B 174 -3.04 -20.06 -5.68
N LEU B 175 -2.30 -21.17 -5.59
CA LEU B 175 -0.86 -21.14 -5.28
C LEU B 175 -0.28 -22.53 -5.63
N PRO B 176 1.06 -22.65 -5.72
CA PRO B 176 1.61 -23.95 -6.16
C PRO B 176 1.21 -25.11 -5.26
N GLU B 177 0.92 -26.24 -5.88
CA GLU B 177 0.53 -27.45 -5.18
C GLU B 177 1.45 -27.77 -4.00
N LYS B 178 2.76 -27.63 -4.22
CA LYS B 178 3.72 -27.92 -3.16
C LYS B 178 3.58 -27.00 -1.95
N VAL B 179 3.21 -25.74 -2.16
CA VAL B 179 3.04 -24.82 -1.05
C VAL B 179 1.78 -25.18 -0.27
N GLN B 180 0.72 -25.54 -0.98
CA GLN B 180 -0.52 -25.94 -0.32
C GLN B 180 -0.30 -27.13 0.61
N VAL B 181 0.39 -28.14 0.10
CA VAL B 181 0.69 -29.35 0.86
C VAL B 181 1.50 -29.04 2.12
N TYR B 182 2.54 -28.23 1.97
CA TYR B 182 3.32 -27.81 3.12
C TYR B 182 2.41 -27.15 4.17
N ILE B 183 1.57 -26.23 3.71
CA ILE B 183 0.66 -25.50 4.61
C ILE B 183 -0.27 -26.44 5.35
N GLU B 184 -0.91 -27.33 4.59
CA GLU B 184 -1.89 -28.23 5.16
C GLU B 184 -1.27 -29.19 6.17
N ARG B 185 -0.13 -29.77 5.82
CA ARG B 185 0.56 -30.68 6.72
C ARG B 185 1.00 -29.99 8.01
N ASN B 186 1.47 -28.75 7.90
CA ASN B 186 2.06 -28.06 9.04
C ASN B 186 1.05 -27.31 9.90
N GLY B 187 -0.19 -27.21 9.41
CA GLY B 187 -1.27 -26.56 10.16
C GLY B 187 -1.04 -25.07 10.34
N LEU B 188 -0.35 -24.47 9.38
CA LEU B 188 0.10 -23.09 9.52
C LEU B 188 -1.00 -22.09 9.84
N TYR B 189 -2.16 -22.25 9.21
CA TYR B 189 -3.17 -21.21 9.34
C TYR B 189 -4.43 -21.73 10.00
N GLU B 190 -4.31 -22.80 10.77
CA GLU B 190 -5.47 -23.41 11.43
C GLU B 190 -5.97 -22.51 12.54
N SER B 191 -5.04 -21.68 13.03
CA SER B 191 -5.28 -20.55 13.90
C SER B 191 -4.75 -20.78 15.31
#